data_5KBA
#
_entry.id   5KBA
#
_cell.length_a   93.372
_cell.length_b   48.817
_cell.length_c   139.267
_cell.angle_alpha   90.00
_cell.angle_beta   98.87
_cell.angle_gamma   90.00
#
_symmetry.space_group_name_H-M   'C 1 2 1'
#
loop_
_entity.id
_entity.type
_entity.pdbx_description
1 polymer 'Designed protein ANK1C2'
2 water water
#
_entity_poly.entity_id   1
_entity_poly.type   'polypeptide(L)'
_entity_poly.pdbx_seq_one_letter_code
;MHHHHHHGSWGSSELGKRLIEAAENGNKDRVKDLIENGADVNASDSDGRTPLHHAAENGHAEVVALLIEKGADVNAKDSD
GRTPLHHAAENGHDEVVLILLLKGADVNAKDSDGRTPLHHAAENGHKRVVLVLILAGADVNTSDSDGRTPLDLAREHGNE
EVVKALEKQ
;
_entity_poly.pdbx_strand_id   A,B,C,D
#
# COMPACT_ATOMS: atom_id res chain seq x y z
N SER A 12 -2.70 -26.85 3.24
CA SER A 12 -3.34 -27.74 2.30
C SER A 12 -4.40 -27.05 1.45
N SER A 13 -4.43 -27.38 0.16
CA SER A 13 -5.46 -26.91 -0.75
C SER A 13 -5.30 -27.51 -2.14
N GLU A 14 -6.42 -27.81 -2.76
CA GLU A 14 -6.48 -28.01 -4.20
C GLU A 14 -7.04 -26.70 -4.75
N LEU A 15 -7.68 -25.94 -3.86
CA LEU A 15 -8.15 -24.59 -4.15
C LEU A 15 -6.99 -23.72 -4.62
N GLY A 16 -5.83 -23.92 -4.02
CA GLY A 16 -4.62 -23.20 -4.42
C GLY A 16 -4.22 -23.52 -5.84
N LYS A 17 -4.32 -24.79 -6.21
CA LYS A 17 -4.04 -25.21 -7.58
C LYS A 17 -4.98 -24.55 -8.57
N ARG A 18 -6.27 -24.55 -8.25
CA ARG A 18 -7.27 -23.98 -9.14
C ARG A 18 -7.12 -22.46 -9.24
N LEU A 19 -6.74 -21.84 -8.13
CA LEU A 19 -6.56 -20.39 -8.08
C LEU A 19 -5.38 -19.96 -8.95
N ILE A 20 -4.26 -20.67 -8.79
CA ILE A 20 -3.08 -20.41 -9.61
C ILE A 20 -3.43 -20.60 -11.07
N GLU A 21 -4.20 -21.65 -11.34
CA GLU A 21 -4.65 -21.99 -12.67
C GLU A 21 -5.56 -20.90 -13.25
N ALA A 22 -6.51 -20.44 -12.44
CA ALA A 22 -7.47 -19.43 -12.88
C ALA A 22 -6.78 -18.10 -13.13
N ALA A 23 -5.82 -17.77 -12.27
CA ALA A 23 -5.06 -16.54 -12.39
C ALA A 23 -4.20 -16.56 -13.65
N GLU A 24 -3.67 -17.74 -13.95
CA GLU A 24 -2.83 -17.94 -15.12
C GLU A 24 -3.62 -17.72 -16.40
N ASN A 25 -4.91 -18.04 -16.34
CA ASN A 25 -5.77 -17.96 -17.52
C ASN A 25 -6.52 -16.64 -17.62
N GLY A 26 -6.39 -15.80 -16.60
CA GLY A 26 -7.01 -14.49 -16.60
C GLY A 26 -8.51 -14.51 -16.36
N ASN A 27 -9.00 -15.62 -15.80
CA ASN A 27 -10.41 -15.73 -15.48
C ASN A 27 -10.74 -14.98 -14.18
N LYS A 28 -11.00 -13.69 -14.31
CA LYS A 28 -11.24 -12.81 -13.17
C LYS A 28 -12.40 -13.27 -12.28
N ASP A 29 -13.46 -13.76 -12.90
CA ASP A 29 -14.63 -14.24 -12.15
C ASP A 29 -14.30 -15.49 -11.35
N ARG A 30 -13.66 -16.45 -12.01
CA ARG A 30 -13.30 -17.71 -11.37
C ARG A 30 -12.32 -17.47 -10.22
N VAL A 31 -11.49 -16.45 -10.36
CA VAL A 31 -10.53 -16.11 -9.32
C VAL A 31 -11.22 -15.59 -8.06
N LYS A 32 -12.19 -14.70 -8.24
CA LYS A 32 -12.89 -14.08 -7.12
C LYS A 32 -13.67 -15.11 -6.31
N ASP A 33 -14.24 -16.09 -7.00
CA ASP A 33 -15.04 -17.12 -6.34
C ASP A 33 -14.17 -17.96 -5.42
N LEU A 34 -13.05 -18.44 -5.94
CA LEU A 34 -12.15 -19.30 -5.19
C LEU A 34 -11.63 -18.62 -3.92
N ILE A 35 -11.28 -17.34 -4.06
CA ILE A 35 -10.81 -16.56 -2.91
C ILE A 35 -11.91 -16.43 -1.87
N GLU A 36 -13.14 -16.22 -2.34
CA GLU A 36 -14.30 -16.20 -1.45
C GLU A 36 -14.50 -17.55 -0.79
N ASN A 37 -14.20 -18.62 -1.53
CA ASN A 37 -14.37 -19.97 -1.02
C ASN A 37 -13.16 -20.47 -0.24
N GLY A 38 -12.30 -19.55 0.17
CA GLY A 38 -11.21 -19.86 1.07
C GLY A 38 -9.89 -20.24 0.43
N ALA A 39 -9.71 -19.93 -0.85
CA ALA A 39 -8.44 -20.22 -1.52
C ALA A 39 -7.36 -19.25 -1.07
N ASP A 40 -6.19 -19.79 -0.73
CA ASP A 40 -5.07 -18.97 -0.32
C ASP A 40 -4.51 -18.17 -1.49
N VAL A 41 -4.63 -16.85 -1.40
CA VAL A 41 -4.16 -15.94 -2.45
C VAL A 41 -2.64 -15.98 -2.57
N ASN A 42 -1.98 -16.51 -1.56
CA ASN A 42 -0.52 -16.62 -1.56
C ASN A 42 -0.02 -18.06 -1.70
N ALA A 43 -0.84 -18.91 -2.32
CA ALA A 43 -0.44 -20.29 -2.59
C ALA A 43 0.62 -20.30 -3.67
N SER A 44 1.46 -21.34 -3.67
CA SER A 44 2.53 -21.44 -4.66
C SER A 44 2.73 -22.87 -5.15
N ASP A 45 3.04 -23.03 -6.43
CA ASP A 45 3.30 -24.34 -6.99
C ASP A 45 4.65 -24.89 -6.56
N SER A 46 5.13 -25.92 -7.26
CA SER A 46 6.41 -26.53 -6.96
C SER A 46 7.58 -25.63 -7.36
N ASP A 47 7.31 -24.67 -8.25
CA ASP A 47 8.32 -23.71 -8.68
C ASP A 47 8.31 -22.47 -7.79
N GLY A 48 7.41 -22.46 -6.82
CA GLY A 48 7.31 -21.34 -5.90
C GLY A 48 6.60 -20.15 -6.49
N ARG A 49 5.80 -20.38 -7.53
CA ARG A 49 5.10 -19.29 -8.20
C ARG A 49 3.66 -19.15 -7.74
N THR A 50 3.30 -17.94 -7.33
CA THR A 50 1.98 -17.63 -6.82
C THR A 50 1.03 -17.30 -7.96
N PRO A 51 -0.29 -17.21 -7.67
CA PRO A 51 -1.23 -16.75 -8.70
C PRO A 51 -0.83 -15.40 -9.28
N LEU A 52 -0.23 -14.56 -8.44
CA LEU A 52 0.25 -13.25 -8.87
C LEU A 52 1.39 -13.39 -9.87
N HIS A 53 2.23 -14.40 -9.69
CA HIS A 53 3.31 -14.66 -10.62
C HIS A 53 2.77 -14.99 -12.00
N HIS A 54 1.76 -15.86 -12.01
CA HIS A 54 1.15 -16.32 -13.27
C HIS A 54 0.33 -15.24 -13.97
N ALA A 55 -0.39 -14.45 -13.20
CA ALA A 55 -1.21 -13.38 -13.76
C ALA A 55 -0.32 -12.30 -14.38
N ALA A 56 0.83 -12.05 -13.76
CA ALA A 56 1.77 -11.04 -14.23
C ALA A 56 2.51 -11.51 -15.47
N GLU A 57 2.86 -12.79 -15.49
CA GLU A 57 3.60 -13.37 -16.61
C GLU A 57 2.78 -13.32 -17.89
N ASN A 58 1.47 -13.53 -17.76
CA ASN A 58 0.58 -13.56 -18.91
C ASN A 58 -0.18 -12.26 -19.13
N GLY A 59 0.15 -11.24 -18.35
CA GLY A 59 -0.37 -9.89 -18.54
C GLY A 59 -1.85 -9.68 -18.24
N HIS A 60 -2.36 -10.39 -17.24
CA HIS A 60 -3.77 -10.24 -16.85
C HIS A 60 -3.91 -9.16 -15.77
N ALA A 61 -3.96 -7.91 -16.22
CA ALA A 61 -3.91 -6.74 -15.34
C ALA A 61 -5.01 -6.68 -14.29
N GLU A 62 -6.24 -7.04 -14.67
CA GLU A 62 -7.37 -6.98 -13.75
C GLU A 62 -7.25 -8.05 -12.67
N VAL A 63 -6.74 -9.22 -13.05
CA VAL A 63 -6.50 -10.29 -12.11
C VAL A 63 -5.37 -9.90 -11.14
N VAL A 64 -4.33 -9.30 -11.68
CA VAL A 64 -3.20 -8.83 -10.88
C VAL A 64 -3.67 -7.86 -9.81
N ALA A 65 -4.45 -6.86 -10.21
CA ALA A 65 -4.99 -5.88 -9.29
C ALA A 65 -5.89 -6.54 -8.25
N LEU A 66 -6.73 -7.46 -8.71
CA LEU A 66 -7.65 -8.18 -7.83
C LEU A 66 -6.94 -9.02 -6.78
N LEU A 67 -5.88 -9.71 -7.19
CA LEU A 67 -5.11 -10.54 -6.28
C LEU A 67 -4.46 -9.72 -5.18
N ILE A 68 -3.85 -8.61 -5.57
CA ILE A 68 -3.17 -7.72 -4.62
C ILE A 68 -4.15 -7.19 -3.59
N GLU A 69 -5.38 -6.88 -4.02
CA GLU A 69 -6.42 -6.37 -3.13
C GLU A 69 -6.86 -7.44 -2.16
N LYS A 70 -6.76 -8.70 -2.60
CA LYS A 70 -7.14 -9.82 -1.75
C LYS A 70 -5.95 -10.28 -0.92
N GLY A 71 -4.92 -9.44 -0.88
CA GLY A 71 -3.81 -9.65 0.03
C GLY A 71 -2.60 -10.39 -0.51
N ALA A 72 -2.46 -10.43 -1.83
CA ALA A 72 -1.33 -11.12 -2.45
C ALA A 72 -0.02 -10.38 -2.21
N ASP A 73 1.04 -11.13 -1.92
CA ASP A 73 2.37 -10.56 -1.71
C ASP A 73 2.96 -10.16 -3.04
N VAL A 74 3.19 -8.86 -3.22
CA VAL A 74 3.64 -8.33 -4.50
C VAL A 74 5.12 -8.64 -4.75
N ASN A 75 5.86 -8.86 -3.68
CA ASN A 75 7.29 -9.12 -3.79
C ASN A 75 7.67 -10.57 -3.49
N ALA A 76 6.76 -11.49 -3.78
CA ALA A 76 7.02 -12.91 -3.57
C ALA A 76 8.09 -13.41 -4.52
N LYS A 77 8.94 -14.32 -4.05
CA LYS A 77 9.99 -14.90 -4.88
C LYS A 77 9.67 -16.34 -5.24
N ASP A 78 9.95 -16.71 -6.49
CA ASP A 78 9.82 -18.10 -6.91
C ASP A 78 11.14 -18.84 -6.69
N SER A 79 11.26 -20.02 -7.27
CA SER A 79 12.48 -20.83 -7.11
C SER A 79 13.69 -20.17 -7.77
N ASP A 80 13.42 -19.29 -8.74
CA ASP A 80 14.49 -18.58 -9.43
C ASP A 80 14.72 -17.19 -8.85
N GLY A 81 14.02 -16.88 -7.76
CA GLY A 81 14.14 -15.58 -7.13
C GLY A 81 13.46 -14.47 -7.90
N ARG A 82 12.58 -14.85 -8.83
CA ARG A 82 11.85 -13.88 -9.64
C ARG A 82 10.59 -13.43 -8.91
N THR A 83 10.34 -12.12 -8.94
CA THR A 83 9.10 -11.56 -8.45
C THR A 83 8.12 -11.49 -9.61
N PRO A 84 6.83 -11.22 -9.33
CA PRO A 84 5.90 -11.05 -10.45
C PRO A 84 6.31 -9.91 -11.39
N LEU A 85 7.08 -8.95 -10.88
CA LEU A 85 7.57 -7.85 -11.70
C LEU A 85 8.63 -8.31 -12.71
N HIS A 86 9.42 -9.30 -12.33
CA HIS A 86 10.38 -9.89 -13.26
C HIS A 86 9.67 -10.50 -14.46
N HIS A 87 8.56 -11.17 -14.18
CA HIS A 87 7.80 -11.86 -15.22
C HIS A 87 7.10 -10.87 -16.15
N ALA A 88 6.52 -9.83 -15.57
CA ALA A 88 5.84 -8.81 -16.36
C ALA A 88 6.81 -8.03 -17.25
N ALA A 89 7.97 -7.71 -16.68
CA ALA A 89 9.01 -6.99 -17.42
C ALA A 89 9.54 -7.80 -18.59
N GLU A 90 9.77 -9.09 -18.35
CA GLU A 90 10.31 -9.99 -19.37
C GLU A 90 9.35 -10.12 -20.55
N ASN A 91 8.07 -10.22 -20.26
CA ASN A 91 7.06 -10.44 -21.29
C ASN A 91 6.42 -9.16 -21.82
N GLY A 92 6.91 -8.02 -21.34
CA GLY A 92 6.50 -6.72 -21.85
C GLY A 92 5.07 -6.31 -21.56
N HIS A 93 4.59 -6.63 -20.35
CA HIS A 93 3.24 -6.24 -19.94
C HIS A 93 3.30 -4.95 -19.12
N ASP A 94 3.34 -3.82 -19.79
CA ASP A 94 3.58 -2.54 -19.13
C ASP A 94 2.45 -2.08 -18.20
N GLU A 95 1.21 -2.50 -18.49
CA GLU A 95 0.11 -2.19 -17.59
C GLU A 95 0.28 -2.91 -16.27
N VAL A 96 0.59 -4.20 -16.34
CA VAL A 96 0.84 -5.01 -15.14
C VAL A 96 2.03 -4.43 -14.38
N VAL A 97 3.08 -4.09 -15.11
CA VAL A 97 4.25 -3.44 -14.54
C VAL A 97 3.86 -2.18 -13.77
N LEU A 98 3.00 -1.37 -14.37
CA LEU A 98 2.51 -0.16 -13.72
C LEU A 98 1.76 -0.48 -12.43
N ILE A 99 0.82 -1.42 -12.52
CA ILE A 99 0.01 -1.81 -11.37
C ILE A 99 0.86 -2.34 -10.22
N LEU A 100 1.81 -3.22 -10.55
CA LEU A 100 2.70 -3.79 -9.54
C LEU A 100 3.52 -2.70 -8.84
N LEU A 101 4.09 -1.78 -9.61
CA LEU A 101 4.90 -0.70 -9.07
C LEU A 101 4.07 0.25 -8.20
N LEU A 102 2.82 0.48 -8.61
CA LEU A 102 1.91 1.32 -7.84
C LEU A 102 1.43 0.63 -6.56
N LYS A 103 1.77 -0.66 -6.42
CA LYS A 103 1.38 -1.42 -5.24
C LYS A 103 2.59 -1.80 -4.40
N GLY A 104 3.69 -1.07 -4.58
CA GLY A 104 4.86 -1.23 -3.73
C GLY A 104 5.84 -2.32 -4.14
N ALA A 105 5.77 -2.76 -5.40
CA ALA A 105 6.72 -3.75 -5.89
C ALA A 105 8.12 -3.13 -5.95
N ASP A 106 9.10 -3.89 -5.48
CA ASP A 106 10.49 -3.43 -5.50
C ASP A 106 11.03 -3.46 -6.93
N VAL A 107 11.33 -2.28 -7.46
CA VAL A 107 11.77 -2.13 -8.83
C VAL A 107 13.18 -2.70 -9.04
N ASN A 108 13.95 -2.80 -7.96
CA ASN A 108 15.32 -3.26 -8.05
C ASN A 108 15.52 -4.64 -7.45
N ALA A 109 14.49 -5.47 -7.51
CA ALA A 109 14.56 -6.82 -6.99
C ALA A 109 15.49 -7.68 -7.84
N LYS A 110 16.34 -8.47 -7.19
CA LYS A 110 17.29 -9.34 -7.87
C LYS A 110 16.82 -10.79 -7.87
N ASP A 111 16.96 -11.47 -8.99
CA ASP A 111 16.69 -12.90 -9.06
C ASP A 111 17.93 -13.70 -8.67
N SER A 112 17.91 -15.00 -8.92
CA SER A 112 19.04 -15.87 -8.60
C SER A 112 20.29 -15.47 -9.38
N ASP A 113 20.10 -14.85 -10.54
CA ASP A 113 21.23 -14.43 -11.37
C ASP A 113 21.66 -12.99 -11.07
N GLY A 114 21.03 -12.37 -10.09
CA GLY A 114 21.37 -11.02 -9.69
C GLY A 114 20.77 -9.95 -10.59
N ARG A 115 19.78 -10.34 -11.39
CA ARG A 115 19.16 -9.45 -12.35
C ARG A 115 17.90 -8.77 -11.84
N THR A 116 17.73 -7.52 -12.23
CA THR A 116 16.53 -6.76 -11.92
C THR A 116 15.53 -6.94 -13.05
N PRO A 117 14.26 -6.53 -12.83
CA PRO A 117 13.30 -6.57 -13.94
C PRO A 117 13.76 -5.75 -15.15
N LEU A 118 14.58 -4.73 -14.90
CA LEU A 118 15.14 -3.92 -15.99
C LEU A 118 16.03 -4.75 -16.90
N HIS A 119 16.76 -5.70 -16.34
CA HIS A 119 17.58 -6.63 -17.12
C HIS A 119 16.72 -7.42 -18.12
N HIS A 120 15.57 -7.89 -17.64
CA HIS A 120 14.68 -8.69 -18.47
C HIS A 120 14.02 -7.86 -19.55
N ALA A 121 13.57 -6.66 -19.19
CA ALA A 121 12.93 -5.77 -20.14
C ALA A 121 13.89 -5.38 -21.25
N ALA A 122 15.11 -5.05 -20.87
CA ALA A 122 16.14 -4.67 -21.82
C ALA A 122 16.55 -5.83 -22.71
N GLU A 123 16.64 -7.02 -22.13
CA GLU A 123 17.03 -8.22 -22.86
C GLU A 123 15.99 -8.63 -23.90
N ASN A 124 14.72 -8.42 -23.57
CA ASN A 124 13.62 -8.83 -24.45
C ASN A 124 13.09 -7.70 -25.33
N GLY A 125 13.73 -6.54 -25.24
CA GLY A 125 13.42 -5.41 -26.10
C GLY A 125 12.09 -4.75 -25.85
N HIS A 126 11.72 -4.64 -24.58
CA HIS A 126 10.46 -3.99 -24.22
C HIS A 126 10.71 -2.56 -23.76
N LYS A 127 10.66 -1.63 -24.72
CA LYS A 127 11.10 -0.26 -24.47
C LYS A 127 10.25 0.49 -23.45
N ARG A 128 8.93 0.36 -23.54
CA ARG A 128 8.06 1.08 -22.63
C ARG A 128 8.21 0.63 -21.19
N VAL A 129 8.34 -0.68 -21.00
CA VAL A 129 8.59 -1.23 -19.68
C VAL A 129 9.89 -0.67 -19.13
N VAL A 130 10.90 -0.57 -19.99
CA VAL A 130 12.18 0.03 -19.62
C VAL A 130 11.96 1.44 -19.08
N LEU A 131 11.22 2.25 -19.83
CA LEU A 131 10.93 3.63 -19.45
C LEU A 131 10.18 3.71 -18.13
N VAL A 132 9.18 2.86 -17.96
CA VAL A 132 8.40 2.82 -16.73
C VAL A 132 9.29 2.47 -15.54
N LEU A 133 10.09 1.42 -15.69
CA LEU A 133 10.99 0.98 -14.63
C LEU A 133 11.97 2.07 -14.21
N ILE A 134 12.57 2.74 -15.19
CA ILE A 134 13.50 3.83 -14.92
C ILE A 134 12.79 4.97 -14.20
N LEU A 135 11.57 5.28 -14.66
CA LEU A 135 10.77 6.32 -14.05
C LEU A 135 10.42 5.97 -12.61
N ALA A 136 10.21 4.68 -12.36
CA ALA A 136 9.86 4.20 -11.04
C ALA A 136 11.08 4.15 -10.12
N GLY A 137 12.26 4.35 -10.68
CA GLY A 137 13.47 4.44 -9.90
C GLY A 137 14.43 3.27 -10.04
N ALA A 138 14.35 2.56 -11.17
CA ALA A 138 15.25 1.45 -11.41
C ALA A 138 16.67 1.97 -11.62
N ASP A 139 17.62 1.37 -10.90
CA ASP A 139 19.03 1.68 -11.11
C ASP A 139 19.46 1.07 -12.43
N VAL A 140 19.71 1.94 -13.42
CA VAL A 140 20.03 1.47 -14.77
C VAL A 140 21.43 0.88 -14.86
N ASN A 141 22.24 1.11 -13.83
CA ASN A 141 23.60 0.63 -13.82
C ASN A 141 23.84 -0.49 -12.80
N THR A 142 22.80 -1.30 -12.59
CA THR A 142 22.94 -2.50 -11.77
C THR A 142 23.56 -3.60 -12.60
N SER A 143 24.59 -4.24 -12.06
CA SER A 143 25.22 -5.37 -12.72
C SER A 143 24.78 -6.68 -12.05
N ASP A 144 24.57 -7.72 -12.86
CA ASP A 144 24.20 -9.02 -12.32
C ASP A 144 25.41 -9.74 -11.73
N SER A 145 25.27 -11.05 -11.51
CA SER A 145 26.36 -11.85 -10.95
C SER A 145 27.45 -12.14 -11.98
N ASP A 146 27.22 -11.70 -13.22
CA ASP A 146 28.22 -11.81 -14.27
C ASP A 146 28.83 -10.44 -14.54
N GLY A 147 28.32 -9.43 -13.84
CA GLY A 147 28.83 -8.07 -13.96
C GLY A 147 28.18 -7.29 -15.10
N ARG A 148 27.08 -7.81 -15.61
CA ARG A 148 26.43 -7.21 -16.78
C ARG A 148 25.25 -6.31 -16.43
N THR A 149 25.20 -5.15 -17.08
CA THR A 149 24.13 -4.19 -16.92
C THR A 149 23.03 -4.47 -17.93
N PRO A 150 21.83 -3.89 -17.73
CA PRO A 150 20.76 -4.04 -18.72
C PRO A 150 21.17 -3.53 -20.11
N LEU A 151 21.99 -2.48 -20.15
CA LEU A 151 22.49 -1.95 -21.42
C LEU A 151 23.33 -3.00 -22.16
N ASP A 152 24.10 -3.77 -21.41
CA ASP A 152 24.91 -4.84 -21.99
C ASP A 152 24.02 -5.87 -22.68
N LEU A 153 22.93 -6.23 -22.01
CA LEU A 153 21.99 -7.22 -22.54
C LEU A 153 21.26 -6.68 -23.77
N ALA A 154 21.00 -5.39 -23.80
CA ALA A 154 20.29 -4.76 -24.91
C ALA A 154 21.16 -4.74 -26.17
N ARG A 155 22.43 -4.39 -26.00
CA ARG A 155 23.37 -4.35 -27.11
C ARG A 155 23.58 -5.73 -27.71
N GLU A 156 23.60 -6.74 -26.84
CA GLU A 156 23.85 -8.11 -27.22
C GLU A 156 22.75 -8.70 -28.11
N HIS A 157 21.50 -8.32 -27.84
CA HIS A 157 20.38 -8.90 -28.58
C HIS A 157 19.87 -8.01 -29.71
N GLY A 158 20.57 -6.92 -29.98
CA GLY A 158 20.21 -6.03 -31.06
C GLY A 158 18.90 -5.30 -30.81
N ASN A 159 18.69 -4.90 -29.56
CA ASN A 159 17.53 -4.09 -29.21
C ASN A 159 17.90 -2.61 -29.23
N GLU A 160 18.04 -2.09 -30.44
CA GLU A 160 18.62 -0.77 -30.67
C GLU A 160 17.85 0.39 -30.03
N GLU A 161 16.53 0.28 -30.01
CA GLU A 161 15.70 1.31 -29.39
C GLU A 161 15.93 1.36 -27.88
N VAL A 162 16.02 0.19 -27.27
CA VAL A 162 16.30 0.10 -25.84
C VAL A 162 17.72 0.59 -25.55
N VAL A 163 18.64 0.24 -26.43
CA VAL A 163 20.03 0.66 -26.29
C VAL A 163 20.13 2.18 -26.20
N LYS A 164 19.43 2.87 -27.10
CA LYS A 164 19.41 4.33 -27.07
C LYS A 164 18.82 4.83 -25.77
N ALA A 165 17.62 4.34 -25.44
CA ALA A 165 16.90 4.77 -24.25
C ALA A 165 17.75 4.69 -22.97
N LEU A 166 18.62 3.69 -22.91
CA LEU A 166 19.48 3.48 -21.74
C LEU A 166 20.78 4.28 -21.82
N GLU A 167 21.12 4.71 -23.04
CA GLU A 167 22.31 5.52 -23.26
C GLU A 167 22.09 6.99 -22.93
N LYS A 168 20.84 7.45 -23.06
CA LYS A 168 20.49 8.83 -22.74
C LYS A 168 20.31 9.01 -21.24
N GLN A 169 20.51 7.94 -20.48
CA GLN A 169 20.33 7.99 -19.04
C GLN A 169 21.64 8.22 -18.30
N TRP B 10 19.14 36.98 -41.14
CA TRP B 10 19.41 35.94 -40.18
C TRP B 10 19.53 34.59 -40.87
N GLY B 11 19.14 34.56 -42.15
CA GLY B 11 18.99 33.32 -42.88
C GLY B 11 17.58 32.80 -42.64
N SER B 12 17.16 32.87 -41.38
CA SER B 12 15.92 32.27 -40.91
C SER B 12 15.64 32.77 -39.49
N SER B 13 14.43 32.60 -38.94
CA SER B 13 13.43 31.65 -39.42
C SER B 13 12.09 32.28 -39.82
N GLU B 14 11.33 31.68 -40.75
CA GLU B 14 11.69 30.56 -41.63
C GLU B 14 11.99 29.15 -41.08
N LEU B 15 13.26 28.83 -40.87
CA LEU B 15 13.67 27.48 -40.43
C LEU B 15 12.84 26.89 -39.30
N GLY B 16 12.37 27.75 -38.40
CA GLY B 16 11.59 27.30 -37.26
C GLY B 16 10.22 26.85 -37.72
N LYS B 17 9.64 27.60 -38.66
CA LYS B 17 8.35 27.21 -39.20
C LYS B 17 8.45 25.88 -39.92
N ARG B 18 9.57 25.64 -40.57
CA ARG B 18 9.83 24.34 -41.17
C ARG B 18 10.03 23.28 -40.10
N LEU B 19 10.69 23.67 -39.02
CA LEU B 19 10.97 22.76 -37.91
C LEU B 19 9.68 22.38 -37.18
N ILE B 20 8.84 23.39 -36.95
CA ILE B 20 7.55 23.17 -36.31
C ILE B 20 6.69 22.23 -37.15
N GLU B 21 6.69 22.48 -38.46
CA GLU B 21 5.94 21.66 -39.40
C GLU B 21 6.50 20.24 -39.48
N ALA B 22 7.82 20.12 -39.43
CA ALA B 22 8.47 18.81 -39.49
C ALA B 22 8.23 17.99 -38.23
N ALA B 23 8.24 18.66 -37.08
CA ALA B 23 7.99 18.01 -35.81
C ALA B 23 6.54 17.54 -35.72
N GLU B 24 5.64 18.33 -36.30
CA GLU B 24 4.22 18.01 -36.32
C GLU B 24 3.95 16.77 -37.17
N ASN B 25 4.72 16.63 -38.24
CA ASN B 25 4.57 15.50 -39.16
C ASN B 25 5.33 14.25 -38.70
N GLY B 26 6.31 14.45 -37.83
CA GLY B 26 7.09 13.35 -37.30
C GLY B 26 8.29 12.99 -38.15
N ASN B 27 8.56 13.81 -39.17
CA ASN B 27 9.70 13.60 -40.03
C ASN B 27 11.01 13.86 -39.29
N LYS B 28 11.59 12.80 -38.74
CA LYS B 28 12.73 12.90 -37.81
C LYS B 28 14.00 13.38 -38.49
N ASP B 29 14.24 12.88 -39.70
CA ASP B 29 15.40 13.25 -40.49
C ASP B 29 15.38 14.74 -40.82
N ARG B 30 14.20 15.21 -41.23
CA ARG B 30 14.00 16.61 -41.56
C ARG B 30 14.21 17.49 -40.33
N VAL B 31 13.82 16.98 -39.16
CA VAL B 31 14.02 17.69 -37.91
C VAL B 31 15.50 17.86 -37.63
N LYS B 32 16.27 16.80 -37.86
CA LYS B 32 17.72 16.82 -37.70
C LYS B 32 18.35 17.92 -38.56
N ASP B 33 18.12 17.86 -39.87
CA ASP B 33 18.70 18.79 -40.83
C ASP B 33 18.48 20.25 -40.45
N LEU B 34 17.22 20.60 -40.19
CA LEU B 34 16.85 21.97 -39.85
C LEU B 34 17.58 22.44 -38.60
N ILE B 35 17.64 21.60 -37.57
CA ILE B 35 18.36 21.93 -36.34
C ILE B 35 19.84 22.12 -36.65
N GLU B 36 20.39 21.27 -37.51
CA GLU B 36 21.77 21.41 -37.97
C GLU B 36 21.92 22.69 -38.76
N ASN B 37 20.89 23.04 -39.54
CA ASN B 37 20.91 24.24 -40.35
C ASN B 37 20.73 25.52 -39.53
N GLY B 38 20.49 25.34 -38.24
CA GLY B 38 20.41 26.48 -37.32
C GLY B 38 19.00 26.86 -36.94
N ALA B 39 18.05 25.96 -37.13
CA ALA B 39 16.66 26.21 -36.74
C ALA B 39 16.53 26.24 -35.23
N ASP B 40 15.88 27.29 -34.72
CA ASP B 40 15.62 27.41 -33.29
C ASP B 40 14.73 26.26 -32.83
N VAL B 41 15.27 25.41 -31.97
CA VAL B 41 14.52 24.28 -31.44
C VAL B 41 13.36 24.74 -30.55
N ASN B 42 13.46 25.97 -30.05
CA ASN B 42 12.42 26.53 -29.19
C ASN B 42 11.58 27.60 -29.88
N ALA B 43 11.53 27.57 -31.21
CA ALA B 43 10.68 28.47 -31.96
C ALA B 43 9.22 28.13 -31.67
N SER B 44 8.33 29.11 -31.78
CA SER B 44 6.92 28.87 -31.51
C SER B 44 6.04 29.50 -32.58
N ASP B 45 4.83 28.95 -32.74
CA ASP B 45 3.89 29.48 -33.71
C ASP B 45 3.05 30.57 -33.11
N SER B 46 1.95 30.90 -33.78
CA SER B 46 1.04 31.95 -33.32
C SER B 46 0.28 31.53 -32.08
N ASP B 47 0.17 30.21 -31.89
CA ASP B 47 -0.50 29.67 -30.72
C ASP B 47 0.49 29.46 -29.58
N GLY B 48 1.76 29.79 -29.83
CA GLY B 48 2.80 29.65 -28.84
C GLY B 48 3.26 28.21 -28.68
N ARG B 49 3.05 27.42 -29.72
CA ARG B 49 3.42 26.01 -29.69
C ARG B 49 4.78 25.77 -30.31
N THR B 50 5.65 25.09 -29.57
CA THR B 50 6.99 24.77 -30.01
C THR B 50 6.94 23.48 -30.84
N PRO B 51 8.04 23.13 -31.52
CA PRO B 51 8.10 21.81 -32.17
C PRO B 51 7.82 20.68 -31.19
N LEU B 52 8.22 20.87 -29.94
CA LEU B 52 8.00 19.87 -28.89
C LEU B 52 6.50 19.74 -28.58
N HIS B 53 5.79 20.86 -28.62
CA HIS B 53 4.34 20.85 -28.43
C HIS B 53 3.66 20.01 -29.51
N HIS B 54 4.08 20.20 -30.75
CA HIS B 54 3.46 19.54 -31.89
C HIS B 54 3.79 18.05 -31.98
N ALA B 55 5.04 17.70 -31.70
CA ALA B 55 5.46 16.32 -31.73
C ALA B 55 4.78 15.52 -30.62
N ALA B 56 4.69 16.14 -29.44
CA ALA B 56 4.07 15.49 -28.29
C ALA B 56 2.58 15.28 -28.50
N GLU B 57 1.92 16.26 -29.12
CA GLU B 57 0.50 16.17 -29.40
C GLU B 57 0.21 15.02 -30.36
N ASN B 58 1.06 14.86 -31.35
CA ASN B 58 0.84 13.88 -32.40
C ASN B 58 1.50 12.53 -32.15
N GLY B 59 2.14 12.40 -30.99
CA GLY B 59 2.67 11.12 -30.53
C GLY B 59 3.97 10.69 -31.20
N HIS B 60 4.77 11.66 -31.64
CA HIS B 60 6.03 11.33 -32.28
C HIS B 60 7.15 11.21 -31.25
N ALA B 61 7.28 10.03 -30.67
CA ALA B 61 8.20 9.79 -29.55
C ALA B 61 9.67 10.00 -29.90
N GLU B 62 10.07 9.58 -31.09
CA GLU B 62 11.46 9.72 -31.52
C GLU B 62 11.82 11.18 -31.78
N VAL B 63 10.86 11.94 -32.29
CA VAL B 63 11.04 13.36 -32.53
C VAL B 63 11.10 14.10 -31.20
N VAL B 64 10.20 13.74 -30.29
CA VAL B 64 10.16 14.31 -28.95
C VAL B 64 11.49 14.12 -28.23
N ALA B 65 12.01 12.89 -28.28
CA ALA B 65 13.29 12.57 -27.67
C ALA B 65 14.43 13.39 -28.27
N LEU B 66 14.47 13.46 -29.60
CA LEU B 66 15.52 14.19 -30.30
C LEU B 66 15.50 15.68 -30.00
N LEU B 67 14.30 16.26 -30.00
CA LEU B 67 14.13 17.69 -29.75
C LEU B 67 14.67 18.06 -28.37
N ILE B 68 14.40 17.22 -27.40
CA ILE B 68 14.91 17.43 -26.04
C ILE B 68 16.44 17.31 -26.02
N GLU B 69 16.98 16.34 -26.74
CA GLU B 69 18.42 16.17 -26.86
C GLU B 69 19.07 17.42 -27.44
N LYS B 70 18.34 18.10 -28.32
CA LYS B 70 18.85 19.29 -29.00
C LYS B 70 18.51 20.59 -28.26
N GLY B 71 18.07 20.47 -27.02
CA GLY B 71 17.92 21.63 -26.15
C GLY B 71 16.52 22.22 -26.08
N ALA B 72 15.51 21.43 -26.44
CA ALA B 72 14.14 21.93 -26.39
C ALA B 72 13.64 22.05 -24.95
N ASP B 73 12.87 23.09 -24.65
CA ASP B 73 12.35 23.33 -23.31
C ASP B 73 11.16 22.43 -23.03
N VAL B 74 11.30 21.59 -22.02
CA VAL B 74 10.30 20.58 -21.72
C VAL B 74 9.04 21.13 -21.03
N ASN B 75 9.14 22.28 -20.35
CA ASN B 75 7.95 22.88 -19.73
C ASN B 75 7.52 24.20 -20.39
N ALA B 76 7.76 24.32 -21.69
CA ALA B 76 7.32 25.51 -22.41
C ALA B 76 5.79 25.55 -22.45
N LYS B 77 5.23 26.75 -22.30
CA LYS B 77 3.77 26.91 -22.28
C LYS B 77 3.28 27.63 -23.53
N ASP B 78 2.19 27.15 -24.11
CA ASP B 78 1.58 27.82 -25.25
C ASP B 78 0.68 28.96 -24.79
N SER B 79 -0.14 29.48 -25.72
CA SER B 79 -1.03 30.58 -25.40
C SER B 79 -2.11 30.17 -24.40
N ASP B 80 -2.35 28.86 -24.30
CA ASP B 80 -3.29 28.32 -23.32
C ASP B 80 -2.59 27.88 -22.05
N GLY B 81 -1.29 28.17 -21.97
CA GLY B 81 -0.49 27.80 -20.82
C GLY B 81 -0.22 26.31 -20.71
N ARG B 82 -0.43 25.58 -21.80
CA ARG B 82 -0.22 24.15 -21.84
C ARG B 82 1.24 23.80 -22.11
N THR B 83 1.76 22.85 -21.34
CA THR B 83 3.07 22.27 -21.62
C THR B 83 2.88 21.12 -22.61
N PRO B 84 3.97 20.66 -23.25
CA PRO B 84 3.87 19.52 -24.17
C PRO B 84 3.33 18.27 -23.46
N LEU B 85 3.48 18.20 -22.15
CA LEU B 85 2.97 17.08 -21.37
C LEU B 85 1.44 17.06 -21.34
N HIS B 86 0.84 18.25 -21.36
CA HIS B 86 -0.61 18.39 -21.42
C HIS B 86 -1.17 17.77 -22.70
N HIS B 87 -0.52 18.06 -23.83
CA HIS B 87 -0.96 17.56 -25.12
C HIS B 87 -0.80 16.05 -25.24
N ALA B 88 0.32 15.53 -24.74
CA ALA B 88 0.58 14.10 -24.75
C ALA B 88 -0.44 13.36 -23.90
N ALA B 89 -0.77 13.94 -22.76
CA ALA B 89 -1.73 13.32 -21.84
C ALA B 89 -3.15 13.37 -22.38
N GLU B 90 -3.49 14.47 -23.06
CA GLU B 90 -4.81 14.65 -23.64
C GLU B 90 -5.06 13.65 -24.77
N ASN B 91 -4.03 13.43 -25.60
CA ASN B 91 -4.18 12.55 -26.75
C ASN B 91 -3.74 11.10 -26.51
N GLY B 92 -3.40 10.78 -25.26
CA GLY B 92 -3.13 9.42 -24.85
C GLY B 92 -1.83 8.82 -25.35
N HIS B 93 -0.83 9.66 -25.58
CA HIS B 93 0.47 9.19 -26.04
C HIS B 93 1.38 8.91 -24.85
N ASP B 94 1.31 7.69 -24.33
CA ASP B 94 1.96 7.35 -23.08
C ASP B 94 3.48 7.22 -23.15
N GLU B 95 4.00 6.84 -24.32
CA GLU B 95 5.44 6.79 -24.51
C GLU B 95 6.01 8.20 -24.50
N VAL B 96 5.31 9.12 -25.14
CA VAL B 96 5.70 10.53 -25.11
C VAL B 96 5.67 11.06 -23.69
N VAL B 97 4.65 10.65 -22.94
CA VAL B 97 4.51 11.04 -21.54
C VAL B 97 5.72 10.59 -20.72
N LEU B 98 6.08 9.32 -20.87
CA LEU B 98 7.24 8.76 -20.19
C LEU B 98 8.51 9.52 -20.51
N ILE B 99 8.75 9.79 -21.79
CA ILE B 99 9.94 10.50 -22.22
C ILE B 99 10.02 11.90 -21.61
N LEU B 100 8.93 12.65 -21.70
CA LEU B 100 8.87 14.00 -21.15
C LEU B 100 9.13 14.01 -19.64
N LEU B 101 8.51 13.09 -18.93
CA LEU B 101 8.70 12.97 -17.48
C LEU B 101 10.13 12.63 -17.10
N LEU B 102 10.76 11.77 -17.90
CA LEU B 102 12.14 11.37 -17.65
C LEU B 102 13.13 12.50 -17.93
N LYS B 103 12.65 13.53 -18.63
CA LYS B 103 13.49 14.66 -19.00
C LYS B 103 13.14 15.92 -18.21
N GLY B 104 12.42 15.74 -17.11
CA GLY B 104 12.20 16.82 -16.16
C GLY B 104 10.97 17.67 -16.38
N ALA B 105 9.95 17.12 -17.02
CA ALA B 105 8.68 17.83 -17.17
C ALA B 105 7.91 17.81 -15.86
N ASP B 106 7.30 18.93 -15.50
CA ASP B 106 6.48 19.00 -14.29
C ASP B 106 5.19 18.21 -14.48
N VAL B 107 5.01 17.20 -13.64
CA VAL B 107 3.83 16.35 -13.71
C VAL B 107 2.55 17.08 -13.28
N ASN B 108 2.73 18.12 -12.46
CA ASN B 108 1.58 18.87 -11.93
C ASN B 108 1.52 20.31 -12.45
N ALA B 109 1.86 20.49 -13.71
CA ALA B 109 1.83 21.80 -14.34
C ALA B 109 0.40 22.20 -14.68
N LYS B 110 0.04 23.44 -14.33
CA LYS B 110 -1.31 23.92 -14.57
C LYS B 110 -1.36 24.77 -15.83
N ASP B 111 -2.43 24.63 -16.60
CA ASP B 111 -2.67 25.52 -17.73
C ASP B 111 -3.48 26.72 -17.29
N SER B 112 -4.06 27.42 -18.26
CA SER B 112 -4.85 28.62 -17.98
C SER B 112 -6.10 28.30 -17.17
N ASP B 113 -6.58 27.07 -17.28
CA ASP B 113 -7.76 26.63 -16.55
C ASP B 113 -7.38 25.97 -15.22
N GLY B 114 -6.09 25.99 -14.90
CA GLY B 114 -5.59 25.40 -13.68
C GLY B 114 -5.60 23.89 -13.71
N ARG B 115 -5.55 23.32 -14.92
CA ARG B 115 -5.61 21.88 -15.09
C ARG B 115 -4.24 21.24 -15.29
N THR B 116 -4.03 20.12 -14.61
CA THR B 116 -2.81 19.35 -14.73
C THR B 116 -2.95 18.39 -15.91
N PRO B 117 -1.82 17.78 -16.34
CA PRO B 117 -1.93 16.73 -17.38
C PRO B 117 -2.89 15.60 -16.98
N LEU B 118 -3.01 15.34 -15.68
CA LEU B 118 -3.89 14.28 -15.18
C LEU B 118 -5.36 14.59 -15.46
N HIS B 119 -5.71 15.88 -15.44
CA HIS B 119 -7.05 16.33 -15.78
C HIS B 119 -7.40 15.93 -17.21
N HIS B 120 -6.47 16.19 -18.13
CA HIS B 120 -6.67 15.90 -19.54
C HIS B 120 -6.75 14.40 -19.82
N ALA B 121 -5.86 13.63 -19.21
CA ALA B 121 -5.84 12.18 -19.39
C ALA B 121 -7.12 11.54 -18.87
N ALA B 122 -7.59 12.02 -17.72
CA ALA B 122 -8.80 11.49 -17.10
C ALA B 122 -10.04 11.83 -17.92
N GLU B 123 -10.10 13.06 -18.42
CA GLU B 123 -11.23 13.51 -19.23
C GLU B 123 -11.34 12.72 -20.54
N ASN B 124 -10.20 12.45 -21.16
CA ASN B 124 -10.20 11.76 -22.45
C ASN B 124 -10.08 10.25 -22.34
N GLY B 125 -10.09 9.74 -21.11
CA GLY B 125 -10.17 8.32 -20.85
C GLY B 125 -8.91 7.52 -21.16
N HIS B 126 -7.76 8.10 -20.86
CA HIS B 126 -6.50 7.44 -21.11
C HIS B 126 -5.93 6.85 -19.84
N LYS B 127 -6.35 5.62 -19.53
CA LYS B 127 -6.01 4.96 -18.27
C LYS B 127 -4.53 4.69 -18.11
N ARG B 128 -3.88 4.33 -19.22
CA ARG B 128 -2.46 4.01 -19.20
C ARG B 128 -1.67 5.26 -18.82
N VAL B 129 -2.03 6.38 -19.44
CA VAL B 129 -1.42 7.67 -19.14
C VAL B 129 -1.68 8.07 -17.69
N VAL B 130 -2.92 7.87 -17.24
CA VAL B 130 -3.29 8.17 -15.86
C VAL B 130 -2.36 7.47 -14.87
N LEU B 131 -2.12 6.18 -15.10
CA LEU B 131 -1.26 5.37 -14.23
C LEU B 131 0.18 5.86 -14.22
N VAL B 132 0.70 6.21 -15.40
CA VAL B 132 2.05 6.72 -15.53
C VAL B 132 2.22 8.02 -14.75
N LEU B 133 1.27 8.94 -14.92
CA LEU B 133 1.29 10.23 -14.24
C LEU B 133 1.28 10.06 -12.72
N ILE B 134 0.38 9.21 -12.24
CA ILE B 134 0.28 8.91 -10.81
C ILE B 134 1.60 8.37 -10.27
N LEU B 135 2.20 7.45 -11.02
CA LEU B 135 3.49 6.88 -10.67
C LEU B 135 4.57 7.96 -10.65
N ALA B 136 4.44 8.94 -11.53
CA ALA B 136 5.42 10.02 -11.62
C ALA B 136 5.19 11.06 -10.53
N GLY B 137 4.16 10.85 -9.72
CA GLY B 137 3.90 11.72 -8.59
C GLY B 137 2.82 12.77 -8.83
N ALA B 138 1.89 12.47 -9.72
CA ALA B 138 0.78 13.38 -10.00
C ALA B 138 -0.14 13.49 -8.79
N ASP B 139 -0.47 14.72 -8.42
CA ASP B 139 -1.41 14.97 -7.33
C ASP B 139 -2.83 14.71 -7.84
N VAL B 140 -3.44 13.65 -7.35
CA VAL B 140 -4.73 13.19 -7.84
C VAL B 140 -5.88 14.03 -7.30
N ASN B 141 -5.60 14.81 -6.27
CA ASN B 141 -6.62 15.66 -5.67
C ASN B 141 -6.47 17.14 -6.00
N THR B 142 -5.76 17.42 -7.08
CA THR B 142 -5.66 18.78 -7.58
C THR B 142 -6.94 19.14 -8.33
N SER B 143 -7.52 20.28 -8.02
CA SER B 143 -8.71 20.74 -8.72
C SER B 143 -8.46 22.02 -9.52
N ASP B 144 -9.18 22.18 -10.62
CA ASP B 144 -9.00 23.33 -11.50
C ASP B 144 -9.64 24.59 -10.92
N SER B 145 -9.81 25.60 -11.78
CA SER B 145 -10.39 26.88 -11.37
C SER B 145 -11.89 26.75 -11.10
N ASP B 146 -12.48 25.65 -11.55
CA ASP B 146 -13.88 25.35 -11.26
C ASP B 146 -13.98 24.41 -10.07
N GLY B 147 -12.84 24.10 -9.47
CA GLY B 147 -12.80 23.24 -8.29
C GLY B 147 -13.03 21.78 -8.59
N ARG B 148 -12.76 21.36 -9.83
CA ARG B 148 -12.96 19.98 -10.23
C ARG B 148 -11.67 19.17 -10.34
N THR B 149 -11.68 17.99 -9.75
CA THR B 149 -10.54 17.08 -9.78
C THR B 149 -10.59 16.24 -11.05
N PRO B 150 -9.46 15.58 -11.39
CA PRO B 150 -9.45 14.66 -12.53
C PRO B 150 -10.52 13.57 -12.40
N LEU B 151 -10.75 13.11 -11.17
CA LEU B 151 -11.75 12.09 -10.92
C LEU B 151 -13.14 12.55 -11.33
N ASP B 152 -13.43 13.82 -11.07
CA ASP B 152 -14.72 14.42 -11.43
C ASP B 152 -14.95 14.39 -12.93
N LEU B 153 -13.91 14.68 -13.69
CA LEU B 153 -13.99 14.71 -15.15
C LEU B 153 -14.16 13.31 -15.73
N ALA B 154 -13.54 12.33 -15.10
CA ALA B 154 -13.65 10.95 -15.54
C ALA B 154 -15.07 10.45 -15.37
N ARG B 155 -15.74 10.95 -14.33
CA ARG B 155 -17.12 10.56 -14.03
C ARG B 155 -18.12 11.16 -15.01
N GLU B 156 -17.95 12.45 -15.30
CA GLU B 156 -18.84 13.15 -16.24
C GLU B 156 -18.86 12.45 -17.59
N HIS B 157 -17.67 12.10 -18.05
CA HIS B 157 -17.52 11.57 -19.41
C HIS B 157 -17.52 10.05 -19.43
N GLY B 158 -18.03 9.45 -18.36
CA GLY B 158 -18.25 8.01 -18.30
C GLY B 158 -17.02 7.15 -18.55
N ASN B 159 -15.86 7.62 -18.11
CA ASN B 159 -14.63 6.85 -18.22
C ASN B 159 -14.44 5.97 -17.00
N GLU B 160 -15.21 4.88 -16.95
CA GLU B 160 -15.31 4.07 -15.73
C GLU B 160 -14.01 3.37 -15.31
N GLU B 161 -13.19 3.00 -16.28
CA GLU B 161 -11.90 2.38 -15.96
C GLU B 161 -10.96 3.40 -15.34
N VAL B 162 -11.00 4.63 -15.86
CA VAL B 162 -10.24 5.72 -15.28
C VAL B 162 -10.79 6.07 -13.91
N VAL B 163 -12.11 6.04 -13.77
CA VAL B 163 -12.76 6.28 -12.50
C VAL B 163 -12.24 5.33 -11.43
N LYS B 164 -12.28 4.03 -11.73
CA LYS B 164 -11.78 3.00 -10.83
C LYS B 164 -10.34 3.28 -10.40
N ALA B 165 -9.49 3.55 -11.38
CA ALA B 165 -8.06 3.77 -11.13
C ALA B 165 -7.80 4.92 -10.17
N LEU B 166 -8.71 5.89 -10.16
CA LEU B 166 -8.50 7.10 -9.36
C LEU B 166 -9.02 7.05 -7.92
N GLU B 167 -10.04 6.24 -7.66
CA GLU B 167 -10.57 6.13 -6.31
C GLU B 167 -9.86 5.03 -5.54
N LYS B 168 -8.97 4.30 -6.20
CA LYS B 168 -8.12 3.35 -5.50
C LYS B 168 -6.89 4.07 -4.95
N GLN B 169 -6.86 5.39 -5.12
CA GLN B 169 -5.77 6.24 -4.65
C GLN B 169 -6.20 7.01 -3.40
N SER C 12 27.57 10.87 38.35
CA SER C 12 26.62 9.77 38.24
C SER C 12 26.50 9.27 36.80
N SER C 13 26.36 7.95 36.66
CA SER C 13 25.80 7.22 35.50
C SER C 13 26.21 5.74 35.41
N GLU C 14 25.72 4.83 36.27
CA GLU C 14 24.89 5.02 37.49
C GLU C 14 23.42 5.48 37.35
N LEU C 15 23.18 6.63 36.73
CA LEU C 15 21.84 7.13 36.47
C LEU C 15 21.09 6.18 35.56
N GLY C 16 21.84 5.43 34.75
CA GLY C 16 21.28 4.42 33.89
C GLY C 16 20.63 3.30 34.68
N LYS C 17 21.28 2.90 35.77
CA LYS C 17 20.74 1.86 36.64
C LYS C 17 19.45 2.33 37.29
N ARG C 18 19.39 3.61 37.62
CA ARG C 18 18.19 4.20 38.20
C ARG C 18 17.10 4.36 37.14
N LEU C 19 17.53 4.59 35.90
CA LEU C 19 16.60 4.76 34.79
C LEU C 19 15.97 3.42 34.42
N ILE C 20 16.80 2.39 34.34
CA ILE C 20 16.32 1.04 34.07
C ILE C 20 15.36 0.58 35.16
N GLU C 21 15.73 0.85 36.41
CA GLU C 21 14.90 0.49 37.55
C GLU C 21 13.57 1.23 37.51
N ALA C 22 13.60 2.47 37.04
CA ALA C 22 12.41 3.32 36.98
C ALA C 22 11.44 2.88 35.88
N ALA C 23 11.98 2.62 34.69
CA ALA C 23 11.17 2.19 33.56
C ALA C 23 10.56 0.81 33.83
N GLU C 24 11.30 -0.02 34.56
CA GLU C 24 10.84 -1.35 34.93
C GLU C 24 9.65 -1.26 35.89
N ASN C 25 9.73 -0.31 36.82
CA ASN C 25 8.67 -0.11 37.80
C ASN C 25 7.51 0.73 37.27
N GLY C 26 7.72 1.38 36.14
CA GLY C 26 6.68 2.16 35.49
C GLY C 26 6.47 3.53 36.08
N ASN C 27 7.48 4.02 36.80
CA ASN C 27 7.42 5.36 37.37
C ASN C 27 7.70 6.43 36.31
N LYS C 28 6.64 7.06 35.83
CA LYS C 28 6.76 8.04 34.75
C LYS C 28 7.53 9.29 35.18
N ASP C 29 7.33 9.72 36.42
CA ASP C 29 8.01 10.89 36.96
C ASP C 29 9.50 10.63 37.11
N ARG C 30 9.85 9.56 37.82
CA ARG C 30 11.23 9.19 38.06
C ARG C 30 11.99 9.00 36.74
N VAL C 31 11.31 8.45 35.74
CA VAL C 31 11.89 8.33 34.40
C VAL C 31 12.09 9.72 33.78
N LYS C 32 11.10 10.59 33.93
CA LYS C 32 11.14 11.93 33.32
C LYS C 32 12.28 12.77 33.90
N ASP C 33 12.47 12.69 35.21
CA ASP C 33 13.54 13.40 35.90
C ASP C 33 14.91 12.97 35.40
N LEU C 34 15.26 11.72 35.68
CA LEU C 34 16.57 11.14 35.34
C LEU C 34 17.03 11.48 33.92
N ILE C 35 16.12 11.38 32.95
CA ILE C 35 16.43 11.74 31.57
C ILE C 35 16.82 13.22 31.45
N GLU C 36 16.07 14.09 32.12
CA GLU C 36 16.42 15.51 32.17
C GLU C 36 17.75 15.70 32.88
N ASN C 37 17.96 14.95 33.96
CA ASN C 37 19.17 15.07 34.76
C ASN C 37 20.39 14.40 34.13
N GLY C 38 20.24 13.93 32.89
CA GLY C 38 21.37 13.45 32.12
C GLY C 38 21.56 11.93 32.04
N ALA C 39 20.46 11.19 32.19
CA ALA C 39 20.52 9.73 32.09
C ALA C 39 20.34 9.29 30.64
N ASP C 40 21.24 8.42 30.18
CA ASP C 40 21.17 7.87 28.83
C ASP C 40 20.01 6.88 28.73
N VAL C 41 19.03 7.23 27.90
CA VAL C 41 17.86 6.39 27.68
C VAL C 41 18.23 5.06 27.02
N ASN C 42 19.32 5.09 26.24
CA ASN C 42 19.78 3.88 25.56
C ASN C 42 20.79 3.08 26.39
N ALA C 43 20.81 3.32 27.69
CA ALA C 43 21.66 2.56 28.59
C ALA C 43 21.18 1.11 28.67
N SER C 44 22.12 0.19 28.85
CA SER C 44 21.80 -1.24 28.93
C SER C 44 22.44 -1.89 30.15
N ASP C 45 21.71 -2.80 30.78
CA ASP C 45 22.22 -3.51 31.95
C ASP C 45 23.20 -4.60 31.52
N SER C 46 23.56 -5.47 32.45
CA SER C 46 24.50 -6.56 32.16
C SER C 46 23.87 -7.60 31.24
N ASP C 47 22.53 -7.63 31.21
CA ASP C 47 21.81 -8.56 30.35
C ASP C 47 21.50 -7.95 28.99
N GLY C 48 22.03 -6.75 28.74
CA GLY C 48 21.85 -6.08 27.46
C GLY C 48 20.48 -5.45 27.27
N ARG C 49 19.73 -5.32 28.37
CA ARG C 49 18.38 -4.81 28.30
C ARG C 49 18.30 -3.32 28.61
N THR C 50 17.67 -2.58 27.71
CA THR C 50 17.48 -1.14 27.88
C THR C 50 16.25 -0.88 28.75
N PRO C 51 16.06 0.38 29.21
CA PRO C 51 14.82 0.69 29.92
C PRO C 51 13.59 0.42 29.06
N LEU C 52 13.75 0.44 27.75
CA LEU C 52 12.66 0.12 26.84
C LEU C 52 12.33 -1.37 26.91
N HIS C 53 13.37 -2.20 27.04
CA HIS C 53 13.18 -3.63 27.23
C HIS C 53 12.36 -3.89 28.49
N HIS C 54 12.67 -3.14 29.55
CA HIS C 54 12.05 -3.33 30.85
C HIS C 54 10.62 -2.81 30.92
N ALA C 55 10.40 -1.61 30.39
CA ALA C 55 9.08 -1.01 30.39
C ALA C 55 8.10 -1.85 29.56
N ALA C 56 8.62 -2.41 28.47
CA ALA C 56 7.81 -3.23 27.56
C ALA C 56 7.47 -4.57 28.17
N GLU C 57 8.46 -5.21 28.78
CA GLU C 57 8.28 -6.48 29.44
C GLU C 57 7.26 -6.39 30.57
N ASN C 58 7.28 -5.26 31.28
CA ASN C 58 6.37 -5.04 32.40
C ASN C 58 5.08 -4.31 32.01
N GLY C 59 4.94 -3.99 30.74
CA GLY C 59 3.70 -3.47 30.19
C GLY C 59 3.36 -2.05 30.58
N HIS C 60 4.40 -1.23 30.76
CA HIS C 60 4.20 0.18 31.10
C HIS C 60 4.16 1.02 29.82
N ALA C 61 2.94 1.35 29.38
CA ALA C 61 2.72 1.96 28.08
C ALA C 61 3.18 3.41 27.97
N GLU C 62 2.91 4.20 29.01
CA GLU C 62 3.31 5.61 29.04
C GLU C 62 4.83 5.73 29.00
N VAL C 63 5.49 4.95 29.85
CA VAL C 63 6.95 4.92 29.91
C VAL C 63 7.54 4.48 28.58
N VAL C 64 6.98 3.42 28.00
CA VAL C 64 7.40 2.94 26.68
C VAL C 64 7.32 4.06 25.66
N ALA C 65 6.18 4.74 25.64
CA ALA C 65 5.96 5.85 24.71
C ALA C 65 6.92 7.02 25.00
N LEU C 66 7.05 7.36 26.28
CA LEU C 66 7.91 8.46 26.72
C LEU C 66 9.37 8.22 26.39
N LEU C 67 9.85 6.99 26.62
CA LEU C 67 11.23 6.64 26.33
C LEU C 67 11.56 6.84 24.85
N ILE C 68 10.66 6.38 23.98
CA ILE C 68 10.87 6.52 22.54
C ILE C 68 10.89 7.99 22.13
N GLU C 69 10.06 8.80 22.77
CA GLU C 69 10.04 10.24 22.51
C GLU C 69 11.39 10.86 22.85
N LYS C 70 12.12 10.21 23.75
CA LYS C 70 13.47 10.66 24.12
C LYS C 70 14.52 9.94 23.27
N GLY C 71 14.11 9.51 22.07
CA GLY C 71 15.02 8.89 21.12
C GLY C 71 15.57 7.56 21.57
N ALA C 72 14.71 6.69 22.08
CA ALA C 72 15.13 5.35 22.48
C ALA C 72 15.15 4.41 21.27
N ASP C 73 16.13 3.52 21.23
CA ASP C 73 16.23 2.52 20.18
C ASP C 73 15.09 1.52 20.31
N VAL C 74 14.18 1.53 19.34
CA VAL C 74 13.01 0.69 19.39
C VAL C 74 13.34 -0.76 19.06
N ASN C 75 14.45 -0.96 18.33
CA ASN C 75 14.89 -2.30 17.94
C ASN C 75 16.21 -2.71 18.59
N ALA C 76 16.35 -2.43 19.87
CA ALA C 76 17.54 -2.83 20.62
C ALA C 76 17.46 -4.32 20.95
N LYS C 77 18.59 -5.01 20.83
CA LYS C 77 18.64 -6.44 21.15
C LYS C 77 19.38 -6.65 22.46
N ASP C 78 18.83 -7.50 23.32
CA ASP C 78 19.51 -7.84 24.57
C ASP C 78 20.49 -8.99 24.34
N SER C 79 20.94 -9.63 25.42
CA SER C 79 21.90 -10.72 25.33
C SER C 79 21.30 -11.95 24.64
N ASP C 80 19.98 -11.96 24.49
CA ASP C 80 19.27 -13.06 23.84
C ASP C 80 18.84 -12.70 22.43
N GLY C 81 19.12 -11.47 22.02
CA GLY C 81 18.73 -10.98 20.70
C GLY C 81 17.26 -10.62 20.63
N ARG C 82 16.69 -10.22 21.76
CA ARG C 82 15.29 -9.87 21.83
C ARG C 82 15.08 -8.36 21.86
N THR C 83 14.13 -7.89 21.04
CA THR C 83 13.72 -6.50 21.06
C THR C 83 12.67 -6.31 22.14
N PRO C 84 12.40 -5.05 22.54
CA PRO C 84 11.31 -4.80 23.48
C PRO C 84 9.98 -5.39 23.01
N LEU C 85 9.84 -5.58 21.71
CA LEU C 85 8.63 -6.16 21.13
C LEU C 85 8.47 -7.62 21.50
N HIS C 86 9.58 -8.34 21.59
CA HIS C 86 9.56 -9.74 22.00
C HIS C 86 9.02 -9.90 23.41
N HIS C 87 9.51 -9.05 24.30
CA HIS C 87 9.10 -9.05 25.70
C HIS C 87 7.63 -8.71 25.84
N ALA C 88 7.20 -7.69 25.10
CA ALA C 88 5.81 -7.23 25.17
C ALA C 88 4.87 -8.31 24.68
N ALA C 89 5.24 -8.96 23.58
CA ALA C 89 4.43 -10.01 22.97
C ALA C 89 4.37 -11.25 23.87
N GLU C 90 5.48 -11.54 24.53
CA GLU C 90 5.57 -12.70 25.42
C GLU C 90 4.64 -12.53 26.61
N ASN C 91 4.61 -11.33 27.17
CA ASN C 91 3.82 -11.07 28.37
C ASN C 91 2.42 -10.52 28.06
N GLY C 92 2.06 -10.49 26.77
CA GLY C 92 0.72 -10.14 26.35
C GLY C 92 0.31 -8.69 26.60
N HIS C 93 1.25 -7.77 26.42
CA HIS C 93 0.94 -6.35 26.56
C HIS C 93 0.62 -5.74 25.20
N ASP C 94 -0.62 -5.88 24.78
CA ASP C 94 -1.04 -5.48 23.44
C ASP C 94 -0.88 -3.99 23.16
N GLU C 95 -1.16 -3.15 24.15
CA GLU C 95 -1.01 -1.71 23.99
C GLU C 95 0.44 -1.32 23.73
N VAL C 96 1.34 -1.87 24.54
CA VAL C 96 2.77 -1.65 24.36
C VAL C 96 3.20 -2.12 22.98
N VAL C 97 2.69 -3.28 22.57
CA VAL C 97 2.95 -3.81 21.24
C VAL C 97 2.51 -2.80 20.18
N LEU C 98 1.31 -2.27 20.34
CA LEU C 98 0.78 -1.26 19.44
C LEU C 98 1.66 -0.02 19.37
N ILE C 99 2.04 0.49 20.54
CA ILE C 99 2.91 1.67 20.62
C ILE C 99 4.25 1.42 19.95
N LEU C 100 4.83 0.24 20.21
CA LEU C 100 6.10 -0.11 19.60
C LEU C 100 5.99 -0.16 18.07
N LEU C 101 4.94 -0.81 17.59
CA LEU C 101 4.70 -0.94 16.16
C LEU C 101 4.46 0.42 15.51
N LEU C 102 3.72 1.27 16.21
CA LEU C 102 3.41 2.60 15.69
C LEU C 102 4.60 3.55 15.73
N LYS C 103 5.80 3.01 15.94
CA LYS C 103 7.00 3.83 15.97
C LYS C 103 8.21 3.14 15.32
N GLY C 104 7.95 2.11 14.54
CA GLY C 104 8.98 1.52 13.69
C GLY C 104 9.57 0.21 14.15
N ALA C 105 8.88 -0.48 15.06
CA ALA C 105 9.37 -1.77 15.52
C ALA C 105 9.26 -2.83 14.44
N ASP C 106 10.35 -3.57 14.23
CA ASP C 106 10.35 -4.69 13.30
C ASP C 106 9.42 -5.76 13.86
N VAL C 107 8.49 -6.21 13.04
CA VAL C 107 7.47 -7.15 13.50
C VAL C 107 7.93 -8.60 13.31
N ASN C 108 8.92 -8.80 12.44
CA ASN C 108 9.46 -10.13 12.17
C ASN C 108 10.91 -10.29 12.65
N ALA C 109 11.26 -9.55 13.70
CA ALA C 109 12.61 -9.62 14.28
C ALA C 109 12.86 -10.97 14.95
N LYS C 110 14.07 -11.50 14.78
CA LYS C 110 14.42 -12.81 15.28
C LYS C 110 15.57 -12.74 16.26
N ASP C 111 15.58 -13.65 17.22
CA ASP C 111 16.62 -13.62 18.23
C ASP C 111 17.69 -14.66 17.96
N SER C 112 18.43 -15.04 19.01
CA SER C 112 19.35 -16.16 18.98
C SER C 112 18.68 -17.45 18.49
N ASP C 113 17.50 -17.75 19.05
CA ASP C 113 16.75 -18.94 18.65
C ASP C 113 16.02 -18.76 17.31
N GLY C 114 15.97 -17.51 16.84
CA GLY C 114 15.48 -17.22 15.49
C GLY C 114 13.98 -17.10 15.31
N ARG C 115 13.26 -17.02 16.42
CA ARG C 115 11.80 -16.90 16.37
C ARG C 115 11.41 -15.42 16.51
N THR C 116 10.13 -15.12 16.35
CA THR C 116 9.66 -13.73 16.33
C THR C 116 8.76 -13.43 17.54
N PRO C 117 8.35 -12.14 17.72
CA PRO C 117 7.34 -11.84 18.74
C PRO C 117 6.07 -12.66 18.57
N LEU C 118 5.75 -13.01 17.33
CA LEU C 118 4.56 -13.80 17.03
C LEU C 118 4.66 -15.19 17.66
N HIS C 119 5.86 -15.74 17.69
CA HIS C 119 6.11 -17.02 18.35
C HIS C 119 5.79 -16.95 19.83
N HIS C 120 6.31 -15.91 20.49
CA HIS C 120 6.09 -15.67 21.90
C HIS C 120 4.62 -15.54 22.25
N ALA C 121 3.91 -14.70 21.50
CA ALA C 121 2.49 -14.48 21.75
C ALA C 121 1.71 -15.78 21.57
N ALA C 122 2.08 -16.56 20.57
CA ALA C 122 1.43 -17.83 20.30
C ALA C 122 1.74 -18.85 21.39
N GLU C 123 3.01 -18.89 21.82
CA GLU C 123 3.45 -19.81 22.85
C GLU C 123 2.77 -19.55 24.19
N ASN C 124 2.43 -18.29 24.45
CA ASN C 124 1.87 -17.91 25.74
C ASN C 124 0.36 -17.64 25.69
N GLY C 125 -0.24 -17.85 24.52
CA GLY C 125 -1.68 -17.70 24.36
C GLY C 125 -2.17 -16.27 24.50
N HIS C 126 -1.68 -15.40 23.62
CA HIS C 126 -2.07 -13.99 23.63
C HIS C 126 -2.75 -13.64 22.31
N LYS C 127 -4.06 -13.84 22.26
CA LYS C 127 -4.81 -13.73 21.02
C LYS C 127 -4.77 -12.34 20.39
N ARG C 128 -4.97 -11.32 21.21
CA ARG C 128 -4.98 -9.93 20.75
C ARG C 128 -3.64 -9.57 20.12
N VAL C 129 -2.57 -9.87 20.84
CA VAL C 129 -1.23 -9.59 20.38
C VAL C 129 -0.96 -10.29 19.06
N VAL C 130 -1.35 -11.56 18.98
CA VAL C 130 -1.24 -12.32 17.73
C VAL C 130 -1.95 -11.59 16.59
N LEU C 131 -3.20 -11.18 16.86
CA LEU C 131 -4.00 -10.45 15.89
C LEU C 131 -3.33 -9.13 15.49
N VAL C 132 -2.83 -8.41 16.49
CA VAL C 132 -2.17 -7.13 16.25
C VAL C 132 -0.94 -7.30 15.36
N LEU C 133 -0.13 -8.31 15.67
CA LEU C 133 1.08 -8.58 14.90
C LEU C 133 0.75 -8.95 13.45
N ILE C 134 -0.18 -9.87 13.27
CA ILE C 134 -0.62 -10.29 11.94
C ILE C 134 -1.08 -9.09 11.11
N LEU C 135 -1.85 -8.20 11.74
CA LEU C 135 -2.29 -6.97 11.10
C LEU C 135 -1.09 -6.07 10.75
N ALA C 136 -0.08 -6.08 11.61
CA ALA C 136 1.12 -5.27 11.41
C ALA C 136 2.00 -5.80 10.29
N GLY C 137 1.76 -7.05 9.90
CA GLY C 137 2.51 -7.65 8.81
C GLY C 137 3.37 -8.82 9.24
N ALA C 138 3.08 -9.38 10.39
CA ALA C 138 3.84 -10.52 10.90
C ALA C 138 3.69 -11.74 9.99
N ASP C 139 4.80 -12.18 9.43
CA ASP C 139 4.81 -13.39 8.61
C ASP C 139 4.46 -14.58 9.49
N VAL C 140 3.24 -15.08 9.33
CA VAL C 140 2.72 -16.18 10.15
C VAL C 140 3.49 -17.47 9.89
N ASN C 141 4.18 -17.53 8.76
CA ASN C 141 4.89 -18.74 8.35
C ASN C 141 6.41 -18.70 8.59
N THR C 142 6.85 -17.78 9.44
CA THR C 142 8.26 -17.70 9.83
C THR C 142 8.62 -18.86 10.77
N SER C 143 9.75 -19.51 10.49
CA SER C 143 10.20 -20.65 11.28
C SER C 143 11.46 -20.32 12.07
N ASP C 144 11.55 -20.81 13.31
CA ASP C 144 12.74 -20.57 14.12
C ASP C 144 13.93 -21.41 13.67
N SER C 145 14.91 -21.55 14.56
CA SER C 145 16.11 -22.33 14.26
C SER C 145 15.82 -23.83 14.20
N ASP C 146 14.65 -24.23 14.67
CA ASP C 146 14.27 -25.65 14.63
C ASP C 146 13.08 -25.91 13.71
N GLY C 147 12.96 -25.11 12.66
CA GLY C 147 11.95 -25.32 11.63
C GLY C 147 10.51 -25.20 12.11
N ARG C 148 10.31 -24.60 13.27
CA ARG C 148 8.98 -24.47 13.84
C ARG C 148 8.35 -23.10 13.65
N THR C 149 7.08 -23.09 13.28
CA THR C 149 6.31 -21.87 13.10
C THR C 149 5.51 -21.56 14.37
N PRO C 150 5.03 -20.30 14.51
CA PRO C 150 4.19 -19.94 15.66
C PRO C 150 2.97 -20.85 15.81
N LEU C 151 2.45 -21.34 14.69
CA LEU C 151 1.30 -22.24 14.71
C LEU C 151 1.64 -23.54 15.45
N ASP C 152 2.88 -23.99 15.31
CA ASP C 152 3.35 -25.20 15.98
C ASP C 152 3.38 -24.98 17.49
N LEU C 153 3.96 -23.86 17.91
CA LEU C 153 4.04 -23.51 19.32
C LEU C 153 2.66 -23.35 19.94
N ALA C 154 1.73 -22.82 19.16
CA ALA C 154 0.36 -22.63 19.62
C ALA C 154 -0.31 -23.97 19.92
N ARG C 155 0.04 -25.00 19.16
CA ARG C 155 -0.53 -26.33 19.36
C ARG C 155 0.09 -27.06 20.55
N GLU C 156 1.39 -26.90 20.72
CA GLU C 156 2.12 -27.53 21.81
C GLU C 156 1.58 -27.13 23.18
N HIS C 157 1.12 -25.89 23.29
CA HIS C 157 0.68 -25.37 24.58
C HIS C 157 -0.84 -25.32 24.68
N GLY C 158 -1.51 -25.97 23.75
CA GLY C 158 -2.96 -26.07 23.75
C GLY C 158 -3.68 -24.74 23.72
N ASN C 159 -3.20 -23.84 22.86
CA ASN C 159 -3.83 -22.53 22.72
C ASN C 159 -4.88 -22.53 21.60
N GLU C 160 -6.10 -22.94 21.92
CA GLU C 160 -7.19 -23.08 20.96
C GLU C 160 -7.35 -21.89 20.03
N GLU C 161 -7.65 -20.73 20.62
CA GLU C 161 -7.88 -19.49 19.88
C GLU C 161 -6.72 -19.17 18.94
N VAL C 162 -5.52 -19.21 19.50
CA VAL C 162 -4.31 -18.92 18.75
C VAL C 162 -4.11 -19.97 17.66
N VAL C 163 -4.42 -21.22 17.99
CA VAL C 163 -4.41 -22.29 16.99
C VAL C 163 -5.42 -21.98 15.89
N LYS C 164 -6.64 -21.63 16.28
CA LYS C 164 -7.69 -21.29 15.33
C LYS C 164 -7.27 -20.14 14.42
N ALA C 165 -7.22 -18.94 15.00
CA ALA C 165 -6.93 -17.70 14.28
C ALA C 165 -5.76 -17.81 13.30
N LEU C 166 -4.73 -18.55 13.68
CA LEU C 166 -3.55 -18.72 12.85
C LEU C 166 -3.78 -19.68 11.68
N GLU C 167 -4.71 -20.61 11.85
CA GLU C 167 -5.04 -21.59 10.81
C GLU C 167 -5.86 -20.98 9.69
N LYS C 168 -6.23 -19.71 9.84
CA LYS C 168 -7.05 -19.03 8.85
C LYS C 168 -6.28 -17.92 8.15
N GLN C 169 -4.96 -18.01 8.18
CA GLN C 169 -4.09 -17.03 7.53
C GLN C 169 -3.23 -17.69 6.46
N SER D 13 -37.53 -13.34 4.07
CA SER D 13 -38.13 -14.47 4.75
C SER D 13 -38.19 -14.25 6.26
N GLU D 14 -38.18 -15.34 7.01
CA GLU D 14 -38.30 -15.27 8.46
C GLU D 14 -37.03 -15.77 9.12
N LEU D 15 -36.24 -16.56 8.38
CA LEU D 15 -34.98 -17.08 8.88
C LEU D 15 -34.00 -15.97 9.28
N GLY D 16 -33.86 -14.97 8.40
CA GLY D 16 -32.96 -13.86 8.66
C GLY D 16 -33.34 -13.04 9.88
N LYS D 17 -34.64 -13.02 10.19
CA LYS D 17 -35.15 -12.30 11.35
C LYS D 17 -34.67 -12.96 12.62
N ARG D 18 -34.51 -14.28 12.58
CA ARG D 18 -34.00 -15.04 13.70
C ARG D 18 -32.47 -15.01 13.72
N LEU D 19 -31.87 -14.89 12.54
CA LEU D 19 -30.42 -14.82 12.43
C LEU D 19 -29.89 -13.50 12.99
N ILE D 20 -30.60 -12.42 12.67
CA ILE D 20 -30.29 -11.11 13.24
C ILE D 20 -30.45 -11.17 14.75
N GLU D 21 -31.51 -11.83 15.19
CA GLU D 21 -31.75 -12.03 16.62
C GLU D 21 -30.61 -12.86 17.22
N ALA D 22 -30.30 -13.99 16.60
CA ALA D 22 -29.26 -14.89 17.11
C ALA D 22 -27.89 -14.24 17.22
N ALA D 23 -27.49 -13.48 16.21
CA ALA D 23 -26.18 -12.82 16.21
C ALA D 23 -26.08 -11.71 17.26
N GLU D 24 -27.22 -11.26 17.77
CA GLU D 24 -27.24 -10.17 18.74
C GLU D 24 -26.92 -10.61 20.16
N ASN D 25 -27.48 -11.75 20.58
CA ASN D 25 -27.17 -12.31 21.88
C ASN D 25 -25.92 -13.17 21.85
N GLY D 26 -25.46 -13.51 20.65
CA GLY D 26 -24.18 -14.18 20.51
C GLY D 26 -24.28 -15.69 20.39
N ASN D 27 -25.49 -16.20 20.47
CA ASN D 27 -25.72 -17.64 20.41
C ASN D 27 -25.16 -18.24 19.12
N LYS D 28 -23.86 -18.52 19.16
CA LYS D 28 -23.09 -18.97 18.01
C LYS D 28 -23.67 -20.22 17.37
N ASP D 29 -24.11 -21.17 18.20
CA ASP D 29 -24.68 -22.41 17.71
C ASP D 29 -25.94 -22.15 16.90
N ARG D 30 -26.87 -21.40 17.48
CA ARG D 30 -28.12 -21.05 16.81
C ARG D 30 -27.85 -20.34 15.49
N VAL D 31 -26.84 -19.49 15.48
CA VAL D 31 -26.44 -18.77 14.28
C VAL D 31 -26.10 -19.76 13.15
N LYS D 32 -25.27 -20.73 13.48
CA LYS D 32 -24.81 -21.72 12.49
C LYS D 32 -25.98 -22.54 11.93
N ASP D 33 -26.88 -22.98 12.81
CA ASP D 33 -28.03 -23.78 12.39
C ASP D 33 -28.89 -23.03 11.39
N LEU D 34 -29.19 -21.77 11.71
CA LEU D 34 -30.02 -20.93 10.85
C LEU D 34 -29.40 -20.74 9.47
N ILE D 35 -28.08 -20.50 9.45
CA ILE D 35 -27.37 -20.34 8.18
C ILE D 35 -27.41 -21.63 7.37
N GLU D 36 -27.22 -22.75 8.05
CA GLU D 36 -27.32 -24.06 7.40
C GLU D 36 -28.74 -24.31 6.90
N ASN D 37 -29.73 -23.82 7.65
CA ASN D 37 -31.12 -23.95 7.25
C ASN D 37 -31.44 -23.04 6.06
N GLY D 38 -30.53 -22.14 5.73
CA GLY D 38 -30.68 -21.30 4.55
C GLY D 38 -30.99 -19.84 4.83
N ALA D 39 -30.55 -19.33 5.98
CA ALA D 39 -30.79 -17.94 6.33
C ALA D 39 -29.83 -17.01 5.57
N ASP D 40 -30.37 -15.90 5.07
CA ASP D 40 -29.56 -14.90 4.40
C ASP D 40 -28.63 -14.23 5.41
N VAL D 41 -27.33 -14.47 5.25
CA VAL D 41 -26.33 -13.90 6.15
C VAL D 41 -26.27 -12.38 6.01
N ASN D 42 -26.75 -11.86 4.89
CA ASN D 42 -26.78 -10.42 4.66
C ASN D 42 -28.18 -9.82 4.75
N ALA D 43 -29.06 -10.48 5.52
CA ALA D 43 -30.39 -9.94 5.78
C ALA D 43 -30.26 -8.72 6.68
N SER D 44 -31.26 -7.85 6.66
CA SER D 44 -31.23 -6.63 7.46
C SER D 44 -32.62 -6.28 8.00
N ASP D 45 -32.64 -5.62 9.16
CA ASP D 45 -33.88 -5.17 9.76
C ASP D 45 -34.33 -3.83 9.17
N SER D 46 -35.29 -3.18 9.82
CA SER D 46 -35.83 -1.92 9.32
C SER D 46 -34.86 -0.76 9.50
N ASP D 47 -33.82 -0.98 10.29
CA ASP D 47 -32.78 0.03 10.50
C ASP D 47 -31.59 -0.25 9.60
N GLY D 48 -31.70 -1.28 8.76
CA GLY D 48 -30.65 -1.64 7.84
C GLY D 48 -29.48 -2.33 8.49
N ARG D 49 -29.70 -2.85 9.70
CA ARG D 49 -28.66 -3.55 10.45
C ARG D 49 -28.61 -5.02 10.09
N THR D 50 -27.45 -5.48 9.62
CA THR D 50 -27.22 -6.88 9.32
C THR D 50 -26.85 -7.62 10.60
N PRO D 51 -26.89 -8.96 10.59
CA PRO D 51 -26.44 -9.71 11.77
C PRO D 51 -25.00 -9.35 12.15
N LEU D 52 -24.19 -9.00 11.16
CA LEU D 52 -22.81 -8.59 11.42
C LEU D 52 -22.78 -7.26 12.17
N HIS D 53 -23.75 -6.40 11.89
CA HIS D 53 -23.87 -5.13 12.61
C HIS D 53 -24.13 -5.38 14.10
N HIS D 54 -25.11 -6.26 14.36
CA HIS D 54 -25.51 -6.55 15.73
C HIS D 54 -24.43 -7.29 16.52
N ALA D 55 -23.75 -8.23 15.87
CA ALA D 55 -22.70 -8.99 16.52
C ALA D 55 -21.49 -8.11 16.84
N ALA D 56 -21.22 -7.15 15.96
CA ALA D 56 -20.09 -6.24 16.14
C ALA D 56 -20.37 -5.24 17.26
N GLU D 57 -21.62 -4.80 17.34
CA GLU D 57 -22.03 -3.82 18.34
C GLU D 57 -21.94 -4.37 19.75
N ASN D 58 -22.23 -5.67 19.89
CA ASN D 58 -22.26 -6.31 21.20
C ASN D 58 -21.00 -7.11 21.53
N GLY D 59 -20.04 -7.11 20.61
CA GLY D 59 -18.72 -7.66 20.87
C GLY D 59 -18.58 -9.17 20.78
N HIS D 60 -19.46 -9.80 20.03
CA HIS D 60 -19.40 -11.25 19.85
C HIS D 60 -18.41 -11.61 18.74
N ALA D 61 -17.14 -11.75 19.12
CA ALA D 61 -16.05 -11.96 18.17
C ALA D 61 -16.16 -13.26 17.38
N GLU D 62 -16.61 -14.32 18.05
CA GLU D 62 -16.73 -15.64 17.42
C GLU D 62 -17.79 -15.60 16.33
N VAL D 63 -18.92 -14.99 16.66
CA VAL D 63 -20.03 -14.84 15.72
C VAL D 63 -19.64 -13.94 14.56
N VAL D 64 -18.98 -12.83 14.87
CA VAL D 64 -18.51 -11.90 13.84
C VAL D 64 -17.63 -12.60 12.82
N ALA D 65 -16.64 -13.33 13.32
CA ALA D 65 -15.74 -14.08 12.44
C ALA D 65 -16.50 -15.19 11.71
N LEU D 66 -17.46 -15.80 12.40
CA LEU D 66 -18.28 -16.85 11.81
C LEU D 66 -19.10 -16.35 10.62
N LEU D 67 -19.84 -15.27 10.85
CA LEU D 67 -20.70 -14.69 9.82
C LEU D 67 -19.91 -14.33 8.57
N ILE D 68 -18.75 -13.70 8.76
CA ILE D 68 -17.89 -13.29 7.66
C ILE D 68 -17.47 -14.49 6.80
N GLU D 69 -17.18 -15.61 7.46
CA GLU D 69 -16.84 -16.84 6.75
C GLU D 69 -18.01 -17.31 5.90
N LYS D 70 -19.23 -17.01 6.34
CA LYS D 70 -20.42 -17.45 5.64
C LYS D 70 -20.90 -16.41 4.62
N GLY D 71 -19.98 -15.56 4.17
CA GLY D 71 -20.26 -14.62 3.10
C GLY D 71 -20.90 -13.31 3.51
N ALA D 72 -20.90 -13.01 4.80
CA ALA D 72 -21.46 -11.76 5.30
C ALA D 72 -20.70 -10.56 4.73
N ASP D 73 -21.43 -9.48 4.46
CA ASP D 73 -20.84 -8.26 3.93
C ASP D 73 -20.20 -7.45 5.06
N VAL D 74 -18.91 -7.20 4.94
CA VAL D 74 -18.14 -6.59 6.02
C VAL D 74 -18.25 -5.07 5.98
N ASN D 75 -18.63 -4.52 4.83
CA ASN D 75 -18.74 -3.08 4.64
C ASN D 75 -20.17 -2.59 4.50
N ALA D 76 -21.12 -3.40 4.97
CA ALA D 76 -22.53 -3.08 4.88
C ALA D 76 -22.88 -1.83 5.70
N LYS D 77 -23.70 -0.96 5.14
CA LYS D 77 -24.14 0.24 5.82
C LYS D 77 -25.55 0.08 6.35
N ASP D 78 -25.78 0.58 7.57
CA ASP D 78 -27.14 0.63 8.10
C ASP D 78 -27.78 1.96 7.71
N SER D 79 -28.92 2.28 8.33
CA SER D 79 -29.66 3.49 7.98
C SER D 79 -28.84 4.76 8.27
N ASP D 80 -27.94 4.66 9.24
CA ASP D 80 -27.06 5.78 9.58
C ASP D 80 -25.75 5.73 8.79
N GLY D 81 -25.66 4.80 7.85
CA GLY D 81 -24.47 4.67 7.01
C GLY D 81 -23.29 4.08 7.75
N ARG D 82 -23.55 3.45 8.90
CA ARG D 82 -22.51 2.88 9.73
C ARG D 82 -22.26 1.42 9.39
N THR D 83 -20.98 1.06 9.26
CA THR D 83 -20.56 -0.32 9.04
C THR D 83 -20.40 -0.99 10.39
N PRO D 84 -20.33 -2.34 10.43
CA PRO D 84 -20.08 -3.04 11.68
C PRO D 84 -18.82 -2.55 12.42
N LEU D 85 -17.85 -2.05 11.68
CA LEU D 85 -16.64 -1.51 12.30
C LEU D 85 -16.94 -0.22 13.08
N HIS D 86 -17.90 0.56 12.61
CA HIS D 86 -18.32 1.76 13.33
C HIS D 86 -18.86 1.39 14.71
N HIS D 87 -19.70 0.38 14.75
CA HIS D 87 -20.32 -0.07 15.98
C HIS D 87 -19.30 -0.71 16.92
N ALA D 88 -18.35 -1.43 16.34
CA ALA D 88 -17.30 -2.09 17.10
C ALA D 88 -16.38 -1.05 17.74
N ALA D 89 -16.04 -0.03 16.97
CA ALA D 89 -15.15 1.03 17.45
C ALA D 89 -15.84 1.88 18.51
N GLU D 90 -17.14 2.11 18.33
CA GLU D 90 -17.92 2.92 19.26
C GLU D 90 -18.06 2.27 20.63
N ASN D 91 -18.18 0.95 20.66
CA ASN D 91 -18.38 0.22 21.91
C ASN D 91 -17.11 -0.42 22.44
N GLY D 92 -15.98 -0.08 21.83
CA GLY D 92 -14.68 -0.49 22.33
C GLY D 92 -14.37 -1.97 22.24
N HIS D 93 -15.05 -2.66 21.34
CA HIS D 93 -14.78 -4.08 21.12
C HIS D 93 -13.54 -4.25 20.24
N ASP D 94 -12.36 -4.17 20.85
CA ASP D 94 -11.09 -4.19 20.13
C ASP D 94 -10.87 -5.46 19.31
N GLU D 95 -11.28 -6.60 19.85
CA GLU D 95 -11.09 -7.87 19.15
C GLU D 95 -11.94 -7.94 17.89
N VAL D 96 -13.19 -7.49 17.99
CA VAL D 96 -14.07 -7.42 16.83
C VAL D 96 -13.47 -6.50 15.79
N VAL D 97 -12.95 -5.35 16.25
CA VAL D 97 -12.28 -4.40 15.39
C VAL D 97 -11.14 -5.07 14.62
N LEU D 98 -10.32 -5.82 15.35
CA LEU D 98 -9.20 -6.55 14.75
C LEU D 98 -9.68 -7.51 13.68
N ILE D 99 -10.65 -8.35 14.03
CA ILE D 99 -11.18 -9.34 13.11
C ILE D 99 -11.68 -8.69 11.81
N LEU D 100 -12.54 -7.70 11.95
CA LEU D 100 -13.10 -6.98 10.81
C LEU D 100 -12.01 -6.43 9.89
N LEU D 101 -11.03 -5.75 10.48
CA LEU D 101 -9.92 -5.18 9.73
C LEU D 101 -9.12 -6.26 8.99
N LEU D 102 -9.08 -7.46 9.55
CA LEU D 102 -8.39 -8.57 8.91
C LEU D 102 -9.20 -9.14 7.75
N LYS D 103 -10.51 -8.93 7.79
CA LYS D 103 -11.40 -9.44 6.75
C LYS D 103 -11.70 -8.39 5.68
N GLY D 104 -10.94 -7.30 5.70
CA GLY D 104 -11.03 -6.30 4.65
C GLY D 104 -11.97 -5.15 4.90
N ALA D 105 -12.30 -4.92 6.17
CA ALA D 105 -13.16 -3.80 6.54
C ALA D 105 -12.47 -2.47 6.28
N ASP D 106 -13.20 -1.55 5.64
CA ASP D 106 -12.67 -0.23 5.33
C ASP D 106 -12.48 0.57 6.63
N VAL D 107 -11.22 0.86 6.95
CA VAL D 107 -10.87 1.56 8.18
C VAL D 107 -11.31 3.02 8.14
N ASN D 108 -11.49 3.54 6.93
CA ASN D 108 -11.85 4.94 6.75
C ASN D 108 -13.26 5.13 6.20
N ALA D 109 -14.13 4.16 6.48
CA ALA D 109 -15.51 4.23 6.05
C ALA D 109 -16.23 5.38 6.75
N LYS D 110 -16.99 6.16 5.98
CA LYS D 110 -17.72 7.28 6.55
C LYS D 110 -19.20 6.95 6.66
N ASP D 111 -19.86 7.54 7.65
CA ASP D 111 -21.29 7.33 7.82
C ASP D 111 -22.08 8.48 7.21
N SER D 112 -23.31 8.65 7.68
CA SER D 112 -24.18 9.72 7.20
C SER D 112 -23.64 11.08 7.63
N ASP D 113 -22.88 11.09 8.72
CA ASP D 113 -22.32 12.33 9.26
C ASP D 113 -20.88 12.53 8.80
N GLY D 114 -20.38 11.62 7.99
CA GLY D 114 -19.04 11.73 7.46
C GLY D 114 -17.96 11.27 8.43
N ARG D 115 -18.38 10.61 9.50
CA ARG D 115 -17.46 10.14 10.53
C ARG D 115 -16.88 8.76 10.22
N THR D 116 -15.63 8.56 10.62
CA THR D 116 -14.98 7.26 10.50
C THR D 116 -15.11 6.51 11.82
N PRO D 117 -14.79 5.20 11.83
CA PRO D 117 -14.74 4.47 13.10
C PRO D 117 -13.78 5.11 14.10
N LEU D 118 -12.77 5.83 13.60
CA LEU D 118 -11.81 6.51 14.47
C LEU D 118 -12.50 7.61 15.27
N HIS D 119 -13.45 8.30 14.65
CA HIS D 119 -14.22 9.34 15.31
C HIS D 119 -14.97 8.77 16.52
N HIS D 120 -15.60 7.62 16.31
CA HIS D 120 -16.41 6.98 17.35
C HIS D 120 -15.55 6.47 18.50
N ALA D 121 -14.42 5.86 18.17
CA ALA D 121 -13.49 5.39 19.18
C ALA D 121 -12.96 6.56 20.00
N ALA D 122 -12.60 7.64 19.31
CA ALA D 122 -12.11 8.84 19.95
C ALA D 122 -13.17 9.49 20.84
N GLU D 123 -14.41 9.49 20.37
CA GLU D 123 -15.51 10.10 21.12
C GLU D 123 -15.79 9.33 22.42
N ASN D 124 -15.67 8.01 22.35
CA ASN D 124 -16.01 7.15 23.48
C ASN D 124 -14.81 6.76 24.34
N GLY D 125 -13.63 7.25 23.98
CA GLY D 125 -12.43 7.04 24.77
C GLY D 125 -11.94 5.60 24.74
N HIS D 126 -11.67 5.09 23.54
CA HIS D 126 -11.19 3.73 23.38
C HIS D 126 -9.81 3.73 22.75
N LYS D 127 -8.81 3.92 23.61
CA LYS D 127 -7.42 4.10 23.19
C LYS D 127 -6.87 2.93 22.38
N ARG D 128 -7.12 1.72 22.84
CA ARG D 128 -6.65 0.53 22.14
C ARG D 128 -7.22 0.44 20.73
N VAL D 129 -8.53 0.64 20.61
CA VAL D 129 -9.18 0.66 19.31
C VAL D 129 -8.60 1.76 18.43
N VAL D 130 -8.41 2.94 19.03
CA VAL D 130 -7.80 4.07 18.35
C VAL D 130 -6.45 3.69 17.75
N LEU D 131 -5.59 3.08 18.57
CA LEU D 131 -4.27 2.63 18.13
C LEU D 131 -4.38 1.60 17.01
N VAL D 132 -5.28 0.64 17.17
CA VAL D 132 -5.47 -0.42 16.18
C VAL D 132 -5.86 0.14 14.82
N LEU D 133 -6.81 1.07 14.81
CA LEU D 133 -7.28 1.68 13.58
C LEU D 133 -6.14 2.44 12.90
N ILE D 134 -5.38 3.19 13.68
CA ILE D 134 -4.26 3.96 13.17
C ILE D 134 -3.21 3.00 12.59
N LEU D 135 -3.01 1.87 13.26
CA LEU D 135 -2.12 0.84 12.77
C LEU D 135 -2.63 0.27 11.45
N ALA D 136 -3.95 0.17 11.34
CA ALA D 136 -4.57 -0.39 10.15
C ALA D 136 -4.66 0.61 9.00
N GLY D 137 -4.40 1.88 9.29
CA GLY D 137 -4.29 2.89 8.25
C GLY D 137 -5.29 4.03 8.35
N ALA D 138 -5.89 4.21 9.52
CA ALA D 138 -6.86 5.28 9.70
C ALA D 138 -6.23 6.66 9.57
N ASP D 139 -6.82 7.49 8.71
CA ASP D 139 -6.39 8.88 8.59
C ASP D 139 -6.88 9.68 9.79
N VAL D 140 -5.94 10.14 10.60
CA VAL D 140 -6.26 10.86 11.84
C VAL D 140 -6.81 12.26 11.55
N ASN D 141 -6.68 12.70 10.30
CA ASN D 141 -7.07 14.04 9.88
C ASN D 141 -8.45 14.08 9.23
N THR D 142 -8.98 12.91 8.90
CA THR D 142 -10.29 12.79 8.27
C THR D 142 -11.35 13.56 9.05
N SER D 143 -12.01 14.48 8.37
CA SER D 143 -13.00 15.33 9.00
C SER D 143 -14.41 14.99 8.55
N ASP D 144 -15.38 15.18 9.45
CA ASP D 144 -16.77 14.89 9.14
C ASP D 144 -17.40 16.06 8.38
N SER D 145 -18.72 16.13 8.43
CA SER D 145 -19.45 17.17 7.71
C SER D 145 -19.42 18.50 8.47
N ASP D 146 -18.77 18.50 9.63
CA ASP D 146 -18.57 19.71 10.41
C ASP D 146 -17.09 20.09 10.41
N GLY D 147 -16.30 19.40 9.60
CA GLY D 147 -14.88 19.67 9.48
C GLY D 147 -14.09 19.22 10.68
N ARG D 148 -14.75 18.54 11.62
CA ARG D 148 -14.11 18.12 12.85
C ARG D 148 -13.37 16.78 12.72
N THR D 149 -12.19 16.73 13.31
CA THR D 149 -11.38 15.51 13.34
C THR D 149 -11.73 14.72 14.60
N PRO D 150 -11.33 13.43 14.65
CA PRO D 150 -11.54 12.65 15.88
C PRO D 150 -10.89 13.32 17.08
N LEU D 151 -9.75 13.94 16.83
CA LEU D 151 -8.97 14.65 17.85
C LEU D 151 -9.84 15.67 18.58
N ASP D 152 -10.68 16.37 17.83
CA ASP D 152 -11.59 17.38 18.38
C ASP D 152 -12.62 16.74 19.31
N LEU D 153 -13.19 15.62 18.88
CA LEU D 153 -14.19 14.91 19.67
C LEU D 153 -13.55 14.34 20.92
N ALA D 154 -12.30 13.89 20.78
CA ALA D 154 -11.54 13.37 21.90
C ALA D 154 -11.22 14.47 22.91
N ARG D 155 -11.18 15.71 22.42
CA ARG D 155 -10.89 16.86 23.28
C ARG D 155 -12.07 17.25 24.16
N GLU D 156 -13.26 17.30 23.57
CA GLU D 156 -14.44 17.79 24.27
C GLU D 156 -15.15 16.73 25.11
N HIS D 157 -14.63 15.50 25.11
CA HIS D 157 -15.25 14.45 25.92
C HIS D 157 -14.32 13.98 27.04
N GLY D 158 -13.29 14.77 27.31
CA GLY D 158 -12.35 14.46 28.36
C GLY D 158 -11.62 13.15 28.17
N ASN D 159 -11.28 12.81 26.93
CA ASN D 159 -10.46 11.63 26.67
C ASN D 159 -8.97 11.99 26.70
N GLU D 160 -8.47 12.35 27.87
CA GLU D 160 -7.09 12.84 28.02
C GLU D 160 -6.01 11.85 27.58
N GLU D 161 -6.38 10.58 27.51
CA GLU D 161 -5.43 9.56 27.10
C GLU D 161 -5.51 9.33 25.61
N VAL D 162 -6.71 9.46 25.06
CA VAL D 162 -6.91 9.38 23.62
C VAL D 162 -6.36 10.65 23.00
N VAL D 163 -6.46 11.73 23.75
CA VAL D 163 -5.94 12.97 23.25
C VAL D 163 -4.43 12.90 22.99
N LYS D 164 -3.65 12.48 23.95
CA LYS D 164 -2.23 12.55 23.73
C LYS D 164 -1.84 11.34 22.90
N ALA D 165 -2.75 10.38 22.80
CA ALA D 165 -2.57 9.28 21.86
C ALA D 165 -2.86 9.71 20.43
N LEU D 166 -3.36 10.93 20.26
CA LEU D 166 -3.72 11.40 18.92
C LEU D 166 -2.97 12.66 18.47
N GLU D 167 -2.09 13.15 19.33
CA GLU D 167 -1.27 14.32 19.03
C GLU D 167 0.10 13.91 18.48
N LYS D 168 0.62 12.82 19.02
CA LYS D 168 1.94 12.32 18.68
C LYS D 168 1.97 11.51 17.38
N GLN D 169 1.30 12.03 16.36
CA GLN D 169 1.19 11.39 15.05
C GLN D 169 0.81 12.40 13.98
#